data_2JYM
#
_entry.id   2JYM
#
_cell.length_a   1.000
_cell.length_b   1.000
_cell.length_c   1.000
_cell.angle_alpha   90.00
_cell.angle_beta   90.00
_cell.angle_gamma   90.00
#
_symmetry.space_group_name_H-M   'P 1'
#
_entity_poly.entity_id   1
_entity_poly.type   'polyribonucleotide'
_entity_poly.pdbx_seq_one_letter_code
;GGCUCGCAGCAGGUCUGGAGUC
;
_entity_poly.pdbx_strand_id   A
#
loop_
_chem_comp.id
_chem_comp.type
_chem_comp.name
_chem_comp.formula
A RNA linking ADENOSINE-5'-MONOPHOSPHATE 'C10 H14 N5 O7 P'
C RNA linking CYTIDINE-5'-MONOPHOSPHATE 'C9 H14 N3 O8 P'
G RNA linking GUANOSINE-5'-MONOPHOSPHATE 'C10 H14 N5 O8 P'
U RNA linking URIDINE-5'-MONOPHOSPHATE 'C9 H13 N2 O9 P'
#